data_2Y4Y
#
_entry.id   2Y4Y
#
_cell.length_a   103.200
_cell.length_b   74.510
_cell.length_c   74.180
_cell.angle_alpha   90.00
_cell.angle_beta   125.80
_cell.angle_gamma   90.00
#
_symmetry.space_group_name_H-M   'C 1 2 1'
#
loop_
_entity.id
_entity.type
_entity.pdbx_description
1 polymer 'PILP PROTEIN'
2 non-polymer 'ZINC ION'
3 non-polymer 'ACETATE ION'
4 water water
#
_entity_poly.entity_id   1
_entity_poly.type   'polypeptide(L)'
_entity_poly.pdbx_seq_one_letter_code
;GSHMIKPDETRVKQFLEGFNIETFEMVGTLSNAQGTFALVKGAGGVHRVRVGDYLGRNDGKVVGISEGKIDVIEIVPDGE
GNWLERPRSLTLK
;
_entity_poly.pdbx_strand_id   A,B,C,D
#
loop_
_chem_comp.id
_chem_comp.type
_chem_comp.name
_chem_comp.formula
ACT non-polymer 'ACETATE ION' 'C2 H3 O2 -1'
ZN non-polymer 'ZINC ION' 'Zn 2'
#
# COMPACT_ATOMS: atom_id res chain seq x y z
N ILE A 5 30.32 -18.08 2.44
CA ILE A 5 28.86 -17.80 2.48
C ILE A 5 28.32 -17.82 3.93
N LYS A 6 27.76 -16.71 4.41
CA LYS A 6 26.96 -16.78 5.60
C LYS A 6 26.25 -15.47 5.78
N PRO A 7 25.09 -15.50 6.44
CA PRO A 7 24.39 -14.22 6.68
C PRO A 7 25.20 -13.15 7.44
N ASP A 8 25.12 -11.91 6.96
CA ASP A 8 25.79 -10.77 7.61
C ASP A 8 24.94 -10.35 8.85
N GLU A 9 25.42 -10.57 10.06
CA GLU A 9 24.55 -10.44 11.22
C GLU A 9 24.53 -9.01 11.78
N THR A 10 25.40 -8.15 11.30
CA THR A 10 25.37 -6.74 11.72
C THR A 10 24.84 -5.76 10.64
N ARG A 11 24.60 -6.17 9.38
CA ARG A 11 23.91 -5.19 8.49
C ARG A 11 22.48 -4.89 8.96
N VAL A 12 21.99 -3.68 8.65
CA VAL A 12 20.72 -3.29 9.21
C VAL A 12 19.74 -3.76 8.10
N LYS A 13 18.90 -4.71 8.42
CA LYS A 13 17.97 -5.26 7.37
C LYS A 13 17.02 -4.22 6.85
N GLN A 14 16.67 -4.39 5.58
CA GLN A 14 15.77 -3.45 4.90
C GLN A 14 14.31 -3.82 5.11
N PHE A 15 13.44 -2.82 4.85
CA PHE A 15 12.02 -3.05 5.09
C PHE A 15 11.40 -4.31 4.41
N LEU A 16 11.73 -4.49 3.12
CA LEU A 16 11.13 -5.64 2.40
C LEU A 16 11.76 -7.01 2.85
N GLU A 17 12.71 -6.97 3.79
CA GLU A 17 13.17 -8.25 4.42
C GLU A 17 12.24 -8.75 5.51
N GLY A 18 11.22 -7.97 5.89
CA GLY A 18 10.26 -8.35 6.93
C GLY A 18 9.01 -9.06 6.46
N PHE A 19 9.05 -9.55 5.19
CA PHE A 19 7.91 -10.19 4.53
C PHE A 19 8.41 -11.35 3.68
N ASN A 20 7.51 -12.28 3.41
CA ASN A 20 7.83 -13.47 2.65
C ASN A 20 8.00 -13.04 1.19
N ILE A 21 9.12 -13.41 0.59
CA ILE A 21 9.42 -13.01 -0.87
C ILE A 21 8.31 -13.51 -1.85
N GLU A 22 7.68 -14.64 -1.49
CA GLU A 22 6.55 -15.13 -2.27
C GLU A 22 5.31 -14.29 -2.28
N THR A 23 5.26 -13.23 -1.46
CA THR A 23 4.10 -12.33 -1.52
C THR A 23 4.36 -11.08 -2.39
N PHE A 24 5.52 -11.08 -3.05
CA PHE A 24 5.96 -9.90 -3.84
C PHE A 24 5.78 -10.18 -5.36
N GLU A 25 5.38 -9.12 -6.08
CA GLU A 25 5.33 -9.22 -7.56
C GLU A 25 6.23 -8.16 -8.19
N MET A 26 6.98 -8.53 -9.24
CA MET A 26 7.74 -7.55 -10.06
CA MET A 26 7.72 -7.54 -10.01
C MET A 26 6.75 -6.93 -11.00
N VAL A 27 6.50 -5.60 -10.83
CA VAL A 27 5.50 -4.94 -11.70
C VAL A 27 6.09 -3.98 -12.67
N GLY A 28 7.40 -3.85 -12.65
CA GLY A 28 7.98 -2.99 -13.77
C GLY A 28 9.37 -2.50 -13.40
N THR A 29 9.87 -1.58 -14.23
CA THR A 29 11.22 -1.02 -13.94
C THR A 29 11.08 0.49 -14.16
N LEU A 30 11.81 1.26 -13.39
CA LEU A 30 11.80 2.68 -13.61
C LEU A 30 13.22 3.09 -13.67
N SER A 31 13.57 3.94 -14.63
CA SER A 31 14.93 4.48 -14.68
C SER A 31 14.81 5.97 -14.63
N ASN A 32 15.61 6.62 -13.77
CA ASN A 32 15.62 8.09 -13.80
C ASN A 32 17.06 8.59 -13.67
N ALA A 33 17.25 9.90 -13.39
CA ALA A 33 18.64 10.46 -13.43
C ALA A 33 19.61 9.73 -12.45
N GLN A 34 19.05 9.08 -11.41
CA GLN A 34 19.87 8.37 -10.42
C GLN A 34 20.18 6.92 -10.73
N GLY A 35 19.43 6.30 -11.62
CA GLY A 35 19.72 4.94 -12.09
C GLY A 35 18.45 4.15 -12.24
N THR A 36 18.54 2.84 -11.98
CA THR A 36 17.46 1.94 -12.39
C THR A 36 16.91 1.29 -11.16
N PHE A 37 15.58 1.15 -11.15
CA PHE A 37 14.94 0.51 -10.00
C PHE A 37 13.96 -0.54 -10.50
N ALA A 38 13.85 -1.61 -9.76
CA ALA A 38 12.74 -2.55 -10.04
C ALA A 38 11.52 -2.09 -9.18
N LEU A 39 10.29 -2.23 -9.74
CA LEU A 39 9.15 -1.81 -8.95
C LEU A 39 8.56 -3.08 -8.35
N VAL A 40 8.58 -3.20 -7.04
CA VAL A 40 8.13 -4.43 -6.36
C VAL A 40 6.89 -4.12 -5.61
N LYS A 41 5.81 -4.85 -5.97
CA LYS A 41 4.55 -4.71 -5.28
C LYS A 41 4.54 -5.69 -4.14
N GLY A 42 4.50 -5.17 -2.94
CA GLY A 42 4.56 -6.01 -1.72
C GLY A 42 4.41 -5.16 -0.45
N ALA A 43 4.08 -5.82 0.63
CA ALA A 43 3.84 -5.18 1.90
C ALA A 43 2.93 -3.98 1.75
N GLY A 44 1.90 -4.08 0.89
CA GLY A 44 0.82 -3.03 0.91
C GLY A 44 1.28 -1.77 0.16
N GLY A 45 2.29 -1.91 -0.67
CA GLY A 45 2.67 -0.77 -1.52
C GLY A 45 3.50 -1.20 -2.70
N VAL A 46 4.03 -0.24 -3.45
CA VAL A 46 4.98 -0.53 -4.48
C VAL A 46 6.26 0.16 -4.10
N HIS A 47 7.38 -0.60 -4.12
CA HIS A 47 8.67 -0.08 -3.68
C HIS A 47 9.63 0.03 -4.85
N ARG A 48 10.51 1.01 -4.77
CA ARG A 48 11.58 1.18 -5.78
C ARG A 48 12.84 0.46 -5.23
N VAL A 49 13.21 -0.66 -5.83
CA VAL A 49 14.26 -1.53 -5.29
C VAL A 49 15.48 -1.49 -6.18
N ARG A 50 16.67 -1.32 -5.61
CA ARG A 50 17.88 -1.21 -6.41
C ARG A 50 18.68 -2.51 -6.34
N VAL A 51 19.60 -2.65 -7.29
CA VAL A 51 20.66 -3.70 -7.15
C VAL A 51 21.40 -3.41 -5.87
N GLY A 52 21.51 -4.44 -5.05
CA GLY A 52 22.18 -4.34 -3.79
C GLY A 52 21.23 -4.17 -2.65
N ASP A 53 19.94 -3.90 -2.96
CA ASP A 53 18.87 -4.02 -1.96
C ASP A 53 18.49 -5.49 -1.65
N TYR A 54 17.63 -5.69 -0.65
CA TYR A 54 17.30 -7.06 -0.21
C TYR A 54 15.78 -7.26 -0.18
N LEU A 55 15.37 -8.52 -0.45
CA LEU A 55 13.97 -8.90 -0.49
C LEU A 55 13.79 -10.21 0.20
N GLY A 56 12.83 -10.25 1.10
CA GLY A 56 12.46 -11.54 1.74
C GLY A 56 13.25 -11.86 3.00
N ARG A 57 12.88 -13.00 3.59
CA ARG A 57 13.41 -13.36 4.89
C ARG A 57 14.70 -14.17 4.90
N ASN A 58 15.26 -14.42 3.74
CA ASN A 58 16.51 -15.21 3.61
C ASN A 58 17.62 -14.45 3.02
N ASP A 59 17.81 -13.21 3.44
CA ASP A 59 18.96 -12.42 2.96
C ASP A 59 19.03 -12.36 1.44
N GLY A 60 17.89 -12.32 0.77
CA GLY A 60 17.83 -12.24 -0.69
C GLY A 60 18.37 -10.95 -1.26
N LYS A 61 19.60 -10.91 -1.71
CA LYS A 61 20.22 -9.67 -2.22
C LYS A 61 19.88 -9.58 -3.76
N VAL A 62 19.35 -8.45 -4.18
CA VAL A 62 19.10 -8.19 -5.60
C VAL A 62 20.46 -7.99 -6.29
N VAL A 63 20.74 -8.84 -7.25
CA VAL A 63 22.04 -8.78 -7.95
C VAL A 63 21.85 -8.35 -9.40
N GLY A 64 20.60 -8.27 -9.88
CA GLY A 64 20.40 -7.83 -11.26
C GLY A 64 18.95 -7.42 -11.50
N ILE A 65 18.80 -6.40 -12.32
CA ILE A 65 17.48 -5.95 -12.78
C ILE A 65 17.55 -5.79 -14.30
N SER A 66 16.77 -6.54 -15.06
CA SER A 66 16.98 -6.51 -16.54
C SER A 66 15.94 -7.31 -17.24
N LYS A 69 12.93 -8.73 -15.37
CA LYS A 69 13.23 -9.77 -14.31
C LYS A 69 14.16 -9.17 -13.22
N ILE A 70 13.90 -9.55 -11.98
CA ILE A 70 14.79 -9.30 -10.90
C ILE A 70 15.48 -10.59 -10.48
N ASP A 71 16.80 -10.57 -10.43
CA ASP A 71 17.52 -11.73 -9.99
C ASP A 71 18.01 -11.50 -8.54
N VAL A 72 17.76 -12.48 -7.66
CA VAL A 72 18.05 -12.39 -6.25
C VAL A 72 18.91 -13.58 -5.85
N ILE A 73 19.86 -13.41 -4.95
CA ILE A 73 20.57 -14.60 -4.40
C ILE A 73 20.35 -14.64 -2.90
N GLU A 74 19.61 -15.66 -2.45
CA GLU A 74 19.34 -15.88 -1.05
C GLU A 74 20.46 -16.74 -0.45
N ILE A 75 20.53 -16.74 0.88
CA ILE A 75 21.47 -17.55 1.60
C ILE A 75 20.53 -18.46 2.44
N VAL A 76 20.69 -19.78 2.30
CA VAL A 76 19.81 -20.70 3.06
C VAL A 76 20.66 -21.85 3.65
N PRO A 77 20.15 -22.48 4.69
CA PRO A 77 20.91 -23.64 5.29
C PRO A 77 21.15 -24.81 4.32
N TRP A 83 26.12 -22.86 4.99
CA TRP A 83 25.06 -22.14 4.20
C TRP A 83 25.33 -22.26 2.71
N LEU A 84 24.28 -22.09 1.90
CA LEU A 84 24.50 -22.06 0.47
C LEU A 84 23.83 -20.88 -0.18
N GLU A 85 24.21 -20.60 -1.41
CA GLU A 85 23.57 -19.52 -2.19
C GLU A 85 22.50 -20.12 -3.07
N ARG A 86 21.34 -19.51 -3.08
CA ARG A 86 20.18 -20.08 -3.79
C ARG A 86 19.57 -18.91 -4.61
N PRO A 87 19.79 -18.92 -5.92
CA PRO A 87 19.21 -17.90 -6.80
C PRO A 87 17.72 -18.03 -6.90
N ARG A 88 17.05 -16.89 -7.08
CA ARG A 88 15.59 -16.89 -7.27
C ARG A 88 15.32 -15.70 -8.21
N SER A 89 14.14 -15.62 -8.74
CA SER A 89 13.82 -14.45 -9.60
CA SER A 89 13.81 -14.44 -9.57
C SER A 89 12.37 -14.05 -9.40
N LEU A 90 12.08 -12.82 -9.79
CA LEU A 90 10.70 -12.38 -9.81
C LEU A 90 10.54 -11.82 -11.21
N THR A 91 9.53 -12.24 -11.96
CA THR A 91 9.48 -11.86 -13.38
C THR A 91 8.21 -11.09 -13.65
N LEU A 92 8.34 -10.14 -14.56
CA LEU A 92 7.10 -9.36 -14.95
C LEU A 92 6.14 -10.23 -15.77
N LYS A 93 4.84 -10.13 -15.52
CA LYS A 93 3.86 -10.86 -16.37
C LYS A 93 3.78 -10.39 -17.81
N ARG B 11 -29.86 8.84 -4.03
CA ARG B 11 -28.73 9.81 -4.02
C ARG B 11 -27.64 9.30 -5.00
N VAL B 12 -27.03 10.17 -5.81
CA VAL B 12 -25.89 9.73 -6.72
C VAL B 12 -24.59 9.57 -5.85
N LYS B 13 -23.99 8.38 -5.86
CA LYS B 13 -22.87 8.09 -4.97
C LYS B 13 -21.59 8.82 -5.39
N GLN B 14 -20.71 9.05 -4.40
CA GLN B 14 -19.48 9.79 -4.68
C GLN B 14 -18.34 8.80 -4.66
N PHE B 15 -17.27 9.13 -5.38
CA PHE B 15 -16.11 8.21 -5.51
C PHE B 15 -15.56 7.87 -4.12
N LEU B 16 -15.45 8.87 -3.22
CA LEU B 16 -14.81 8.58 -1.91
C LEU B 16 -15.69 7.75 -0.97
N GLU B 17 -16.87 7.35 -1.43
CA GLU B 17 -17.66 6.35 -0.64
C GLU B 17 -17.19 4.92 -0.90
N GLY B 18 -16.23 4.72 -1.83
CA GLY B 18 -15.75 3.35 -2.11
C GLY B 18 -14.47 3.00 -1.32
N PHE B 19 -14.32 3.62 -0.15
CA PHE B 19 -13.14 3.39 0.74
C PHE B 19 -13.57 3.38 2.16
N ASN B 20 -12.87 2.63 3.02
CA ASN B 20 -13.21 2.71 4.44
C ASN B 20 -12.83 4.12 4.95
N ILE B 21 -13.67 4.72 5.76
CA ILE B 21 -13.42 6.10 6.20
C ILE B 21 -12.17 6.15 7.02
N GLU B 22 -11.81 5.01 7.66
CA GLU B 22 -10.56 4.99 8.44
C GLU B 22 -9.30 5.11 7.65
N THR B 23 -9.39 5.10 6.30
CA THR B 23 -8.20 5.21 5.45
C THR B 23 -7.90 6.65 5.09
N PHE B 24 -8.70 7.57 5.61
CA PHE B 24 -8.58 9.00 5.28
C PHE B 24 -7.96 9.80 6.39
N GLU B 25 -7.07 10.72 6.05
CA GLU B 25 -6.55 11.69 7.00
C GLU B 25 -6.94 13.12 6.57
N MET B 26 -7.43 13.95 7.51
CA MET B 26 -7.59 15.38 7.23
CA MET B 26 -7.60 15.39 7.27
C MET B 26 -6.23 16.04 7.30
N VAL B 27 -5.80 16.62 6.19
CA VAL B 27 -4.46 17.24 6.14
C VAL B 27 -4.49 18.74 5.95
N GLY B 28 -5.71 19.35 5.83
CA GLY B 28 -5.76 20.81 5.84
C GLY B 28 -7.03 21.33 5.19
N THR B 29 -7.04 22.61 4.86
CA THR B 29 -8.25 23.26 4.34
C THR B 29 -7.80 24.19 3.26
N LEU B 30 -8.60 24.27 2.21
CA LEU B 30 -8.32 25.21 1.16
C LEU B 30 -9.60 26.06 0.94
N SER B 31 -9.43 27.36 0.92
CA SER B 31 -10.57 28.25 0.69
C SER B 31 -10.23 29.05 -0.52
N ASN B 32 -11.12 29.10 -1.50
CA ASN B 32 -10.77 29.89 -2.72
C ASN B 32 -12.08 30.38 -3.34
N ALA B 33 -12.02 30.84 -4.60
CA ALA B 33 -13.29 31.36 -5.17
C ALA B 33 -14.39 30.34 -5.34
N GLN B 34 -14.05 29.04 -5.32
CA GLN B 34 -15.03 28.00 -5.43
C GLN B 34 -15.64 27.54 -4.09
N GLY B 35 -15.01 27.95 -2.99
CA GLY B 35 -15.59 27.63 -1.69
C GLY B 35 -14.49 27.23 -0.77
N THR B 36 -14.84 26.52 0.27
CA THR B 36 -13.99 26.00 1.37
C THR B 36 -13.95 24.48 1.23
N PHE B 37 -12.82 23.85 1.12
CA PHE B 37 -12.73 22.43 0.93
C PHE B 37 -11.83 21.88 2.02
N ALA B 38 -12.12 20.66 2.49
CA ALA B 38 -11.13 20.00 3.38
C ALA B 38 -10.23 19.24 2.46
N LEU B 39 -8.95 19.09 2.83
CA LEU B 39 -8.02 18.31 2.05
C LEU B 39 -7.94 16.93 2.74
N VAL B 40 -8.38 15.92 2.03
CA VAL B 40 -8.41 14.55 2.61
C VAL B 40 -7.42 13.67 1.87
N LYS B 41 -6.49 13.11 2.64
CA LYS B 41 -5.43 12.31 2.09
C LYS B 41 -5.88 10.84 2.16
N GLY B 42 -5.94 10.19 1.01
CA GLY B 42 -6.51 8.84 0.84
C GLY B 42 -6.95 8.61 -0.64
N ALA B 43 -7.36 7.40 -0.94
CA ALA B 43 -7.83 7.06 -2.30
C ALA B 43 -6.81 7.51 -3.33
N GLY B 44 -5.52 7.17 -3.08
CA GLY B 44 -4.47 7.49 -4.03
C GLY B 44 -3.90 8.89 -4.14
N GLY B 45 -4.35 9.84 -3.32
CA GLY B 45 -3.75 11.17 -3.38
C GLY B 45 -4.38 12.08 -2.36
N VAL B 46 -4.53 13.35 -2.67
CA VAL B 46 -5.18 14.28 -1.73
C VAL B 46 -6.35 14.86 -2.48
N HIS B 47 -7.52 14.75 -1.88
CA HIS B 47 -8.75 15.24 -2.61
C HIS B 47 -9.40 16.33 -1.84
N ARG B 48 -10.20 17.16 -2.51
CA ARG B 48 -10.80 18.38 -1.96
C ARG B 48 -12.29 18.09 -1.74
N VAL B 49 -12.78 18.15 -0.50
CA VAL B 49 -14.14 17.71 -0.14
C VAL B 49 -14.87 18.90 0.46
N ARG B 50 -16.16 19.08 0.08
CA ARG B 50 -16.94 20.28 0.52
C ARG B 50 -17.95 19.81 1.58
N VAL B 51 -18.54 20.74 2.32
CA VAL B 51 -19.76 20.38 3.12
C VAL B 51 -20.82 19.87 2.15
N GLY B 52 -21.38 18.71 2.52
CA GLY B 52 -22.42 18.05 1.73
C GLY B 52 -21.87 16.97 0.81
N ASP B 53 -20.52 16.84 0.72
CA ASP B 53 -19.95 15.68 0.04
C ASP B 53 -19.87 14.47 1.00
N TYR B 54 -19.44 13.31 0.51
CA TYR B 54 -19.50 12.12 1.41
C TYR B 54 -18.16 11.40 1.43
N LEU B 55 -17.92 10.69 2.55
CA LEU B 55 -16.66 9.97 2.80
C LEU B 55 -17.01 8.60 3.42
N GLY B 56 -16.44 7.51 2.94
CA GLY B 56 -16.61 6.24 3.65
C GLY B 56 -17.82 5.46 3.20
N ARG B 57 -17.97 4.29 3.76
CA ARG B 57 -18.95 3.35 3.28
C ARG B 57 -20.30 3.35 4.01
N ASN B 58 -20.44 4.23 4.97
CA ASN B 58 -21.69 4.35 5.74
C ASN B 58 -22.35 5.71 5.57
N ASP B 59 -22.43 6.18 4.31
CA ASP B 59 -23.13 7.42 3.99
C ASP B 59 -22.64 8.61 4.82
N GLY B 60 -21.33 8.67 5.10
CA GLY B 60 -20.71 9.71 5.93
C GLY B 60 -20.82 11.06 5.22
N LYS B 61 -21.82 11.89 5.58
CA LYS B 61 -21.98 13.18 4.98
C LYS B 61 -21.08 14.22 5.70
N VAL B 62 -20.33 15.03 4.94
CA VAL B 62 -19.51 16.10 5.58
C VAL B 62 -20.47 17.26 5.95
N VAL B 63 -20.56 17.58 7.27
CA VAL B 63 -21.43 18.66 7.71
C VAL B 63 -20.72 19.88 8.20
N GLY B 64 -19.43 19.80 8.40
CA GLY B 64 -18.70 20.98 8.84
C GLY B 64 -17.23 20.85 8.56
N ILE B 65 -16.63 21.97 8.20
CA ILE B 65 -15.17 22.05 8.03
C ILE B 65 -14.68 23.25 8.75
N SER B 66 -13.96 23.10 9.82
CA SER B 66 -13.67 24.28 10.70
C SER B 66 -12.66 23.92 11.73
N GLU B 67 -11.76 24.88 12.01
CA GLU B 67 -10.64 24.68 12.99
C GLU B 67 -9.81 23.38 12.74
N GLY B 68 -9.49 23.06 11.50
CA GLY B 68 -8.72 21.88 11.21
C GLY B 68 -9.44 20.54 11.46
N LYS B 69 -10.78 20.58 11.62
CA LYS B 69 -11.57 19.38 11.84
C LYS B 69 -12.65 19.24 10.76
N ILE B 70 -12.87 18.01 10.29
CA ILE B 70 -14.00 17.69 9.37
C ILE B 70 -15.02 16.92 10.22
N ASP B 71 -16.22 17.45 10.33
CA ASP B 71 -17.30 16.70 11.02
C ASP B 71 -18.11 15.94 9.99
N VAL B 72 -18.37 14.68 10.26
CA VAL B 72 -19.09 13.78 9.35
C VAL B 72 -20.22 13.14 10.13
N ILE B 73 -21.38 12.93 9.49
CA ILE B 73 -22.43 12.14 10.15
C ILE B 73 -22.75 10.95 9.28
N GLU B 74 -22.48 9.78 9.81
CA GLU B 74 -22.82 8.52 9.16
C GLU B 74 -24.18 8.06 9.57
N ILE B 75 -24.75 7.15 8.76
CA ILE B 75 -26.05 6.50 9.10
C ILE B 75 -25.84 5.00 9.13
N VAL B 76 -26.13 4.34 10.24
CA VAL B 76 -25.87 2.86 10.37
C VAL B 76 -26.94 2.19 11.21
N LEU B 84 -29.51 4.75 12.78
CA LEU B 84 -28.89 5.62 13.78
C LEU B 84 -27.90 6.58 13.12
N GLU B 85 -28.02 7.88 13.41
CA GLU B 85 -26.96 8.81 12.98
C GLU B 85 -25.75 8.68 13.90
N ARG B 86 -24.53 8.72 13.35
CA ARG B 86 -23.31 8.51 14.12
C ARG B 86 -22.32 9.56 13.70
N PRO B 87 -21.99 10.51 14.59
CA PRO B 87 -20.98 11.53 14.24
C PRO B 87 -19.56 10.92 14.29
N ARG B 88 -18.73 11.35 13.34
CA ARG B 88 -17.32 10.97 13.19
C ARG B 88 -16.58 12.29 12.90
N SER B 89 -15.29 12.29 13.19
CA SER B 89 -14.55 13.43 12.74
C SER B 89 -13.19 12.99 12.25
N LEU B 90 -12.58 13.88 11.46
CA LEU B 90 -11.23 13.68 11.01
C LEU B 90 -10.54 15.00 11.40
N THR B 91 -9.51 14.94 12.26
CA THR B 91 -8.91 16.08 12.87
C THR B 91 -7.50 16.26 12.32
N LEU B 92 -7.15 17.53 12.01
CA LEU B 92 -5.76 17.84 11.55
C LEU B 92 -4.76 17.60 12.68
N LYS B 93 -3.69 16.87 12.41
CA LYS B 93 -2.70 16.63 13.47
C LYS B 93 -2.06 17.98 13.88
N HIS C 3 3.58 12.00 28.37
CA HIS C 3 3.52 10.80 27.37
C HIS C 3 2.68 9.62 27.98
N MET C 4 1.71 9.12 27.23
CA MET C 4 0.42 8.56 27.83
C MET C 4 -0.03 9.17 29.16
N ARG C 11 -5.71 13.04 24.32
CA ARG C 11 -5.12 13.65 23.12
C ARG C 11 -5.78 12.85 22.01
N VAL C 12 -5.89 13.48 20.85
CA VAL C 12 -6.53 12.86 19.76
C VAL C 12 -5.46 12.12 18.92
N LYS C 13 -5.58 10.82 18.85
CA LYS C 13 -4.55 9.99 18.17
C LYS C 13 -4.48 10.42 16.69
N GLN C 14 -3.26 10.38 16.18
CA GLN C 14 -3.02 10.79 14.80
C GLN C 14 -3.29 9.63 13.85
N PHE C 15 -3.40 9.96 12.56
CA PHE C 15 -3.75 8.99 11.55
C PHE C 15 -2.84 7.73 11.53
N LEU C 16 -1.49 7.91 11.57
CA LEU C 16 -0.58 6.76 11.47
C LEU C 16 -0.54 5.95 12.77
N GLU C 17 -1.31 6.37 13.78
CA GLU C 17 -1.53 5.48 14.96
C GLU C 17 -2.55 4.39 14.75
N GLY C 18 -3.20 4.36 13.58
CA GLY C 18 -4.21 3.33 13.33
C GLY C 18 -3.68 2.19 12.53
N PHE C 19 -2.33 2.03 12.46
CA PHE C 19 -1.72 0.98 11.68
C PHE C 19 -0.48 0.43 12.41
N ASN C 20 -0.10 -0.79 12.08
CA ASN C 20 1.02 -1.41 12.74
C ASN C 20 2.35 -0.74 12.28
N ILE C 21 3.12 -0.25 13.24
CA ILE C 21 4.39 0.39 12.92
C ILE C 21 5.30 -0.48 12.07
N GLU C 22 5.22 -1.81 12.23
CA GLU C 22 6.03 -2.69 11.41
C GLU C 22 5.73 -2.63 9.88
N THR C 23 4.64 -1.95 9.50
CA THR C 23 4.31 -1.78 8.07
C THR C 23 4.81 -0.49 7.43
N PHE C 24 5.58 0.28 8.20
CA PHE C 24 6.04 1.65 7.72
C PHE C 24 7.54 1.61 7.26
N GLU C 25 7.99 2.42 6.14
CA GLU C 25 9.45 2.62 5.83
C GLU C 25 9.84 4.04 5.92
N MET C 26 10.95 4.19 6.66
CA MET C 26 11.54 5.52 6.49
CA MET C 26 11.53 5.52 6.51
C MET C 26 12.18 5.50 5.06
N VAL C 27 11.70 6.49 4.30
CA VAL C 27 12.12 6.63 2.90
C VAL C 27 12.85 7.92 2.60
N GLY C 28 12.86 8.85 3.55
CA GLY C 28 13.66 10.06 3.30
C GLY C 28 13.27 11.15 4.27
N THR C 29 13.89 12.30 4.03
CA THR C 29 13.59 13.50 4.82
C THR C 29 13.36 14.66 3.89
N LEU C 30 12.51 15.56 4.33
CA LEU C 30 12.30 16.71 3.44
C LEU C 30 12.43 17.93 4.33
N SER C 31 13.16 18.98 3.88
CA SER C 31 13.08 20.19 4.68
C SER C 31 12.59 21.31 3.84
N ASN C 32 11.80 22.19 4.44
CA ASN C 32 11.26 23.30 3.62
C ASN C 32 11.20 24.53 4.54
N ALA C 33 10.53 25.60 4.08
CA ALA C 33 10.59 26.83 4.88
C ALA C 33 9.96 26.65 6.24
N GLN C 34 9.13 25.61 6.38
CA GLN C 34 8.45 25.35 7.64
C GLN C 34 9.19 24.41 8.59
N GLY C 35 10.20 23.66 8.14
CA GLY C 35 10.92 22.77 9.09
C GLY C 35 11.29 21.49 8.37
N THR C 36 11.54 20.48 9.16
CA THR C 36 12.05 19.22 8.65
C THR C 36 11.00 18.13 8.93
N PHE C 37 10.81 17.26 7.95
CA PHE C 37 9.83 16.19 8.08
C PHE C 37 10.52 14.90 7.67
N ALA C 38 10.16 13.81 8.34
CA ALA C 38 10.56 12.48 7.84
C ALA C 38 9.48 12.04 6.88
N LEU C 39 9.83 11.28 5.86
CA LEU C 39 8.83 10.82 4.86
C LEU C 39 8.63 9.34 5.24
N VAL C 40 7.41 9.02 5.68
CA VAL C 40 7.08 7.66 6.17
C VAL C 40 6.10 7.05 5.14
N LYS C 41 6.54 5.95 4.49
CA LYS C 41 5.70 5.16 3.53
C LYS C 41 4.90 4.20 4.33
N GLY C 42 3.57 4.40 4.42
CA GLY C 42 2.73 3.57 5.30
C GLY C 42 1.25 3.97 5.00
N ALA C 43 0.36 3.04 5.31
CA ALA C 43 -1.09 3.18 5.09
C ALA C 43 -1.38 3.61 3.66
N GLY C 44 -0.63 3.00 2.71
CA GLY C 44 -0.91 3.22 1.28
C GLY C 44 -0.49 4.61 0.75
N GLY C 45 0.25 5.41 1.50
CA GLY C 45 0.74 6.67 0.93
C GLY C 45 2.11 6.97 1.52
N VAL C 46 2.61 8.18 1.32
CA VAL C 46 3.81 8.64 2.04
C VAL C 46 3.36 9.88 2.87
N HIS C 47 3.72 9.91 4.13
CA HIS C 47 3.29 11.00 5.05
C HIS C 47 4.47 11.78 5.41
N ARG C 48 4.25 13.07 5.67
CA ARG C 48 5.30 14.00 6.13
C ARG C 48 5.15 14.09 7.66
N VAL C 49 6.08 13.52 8.40
CA VAL C 49 5.94 13.33 9.84
C VAL C 49 6.93 14.20 10.54
N ARG C 50 6.51 14.88 11.57
CA ARG C 50 7.38 15.83 12.31
C ARG C 50 7.74 15.25 13.66
N VAL C 51 8.78 15.82 14.27
CA VAL C 51 9.01 15.51 15.72
C VAL C 51 7.77 15.93 16.49
N GLY C 52 7.35 15.04 17.34
CA GLY C 52 6.14 15.24 18.15
C GLY C 52 4.89 14.55 17.56
N ASP C 53 5.00 14.07 16.32
CA ASP C 53 3.92 13.27 15.73
C ASP C 53 4.01 11.83 16.28
N TYR C 54 3.04 11.00 15.93
CA TYR C 54 3.00 9.62 16.47
C TYR C 54 2.86 8.60 15.37
N LEU C 55 3.49 7.47 15.59
CA LEU C 55 3.43 6.33 14.62
C LEU C 55 3.07 5.04 15.32
N GLY C 56 2.16 4.24 14.74
CA GLY C 56 1.84 2.87 15.28
C GLY C 56 0.86 2.88 16.44
N ARG C 57 0.55 1.66 16.93
CA ARG C 57 -0.58 1.44 17.80
C ARG C 57 -0.18 1.49 19.30
N ASN C 58 1.09 1.81 19.59
CA ASN C 58 1.55 1.85 21.01
C ASN C 58 2.13 3.21 21.40
N ASP C 59 1.41 4.31 21.07
CA ASP C 59 1.79 5.64 21.50
C ASP C 59 3.22 5.99 21.07
N GLY C 60 3.61 5.53 19.88
CA GLY C 60 5.00 5.75 19.36
C GLY C 60 5.25 7.22 19.05
N LYS C 61 5.82 7.99 19.98
CA LYS C 61 6.07 9.42 19.74
C LYS C 61 7.40 9.63 19.01
N VAL C 62 7.36 10.43 17.92
CA VAL C 62 8.59 10.75 17.21
C VAL C 62 9.34 11.78 18.00
N VAL C 63 10.57 11.42 18.39
CA VAL C 63 11.35 12.33 19.20
C VAL C 63 12.57 12.86 18.50
N GLY C 64 12.92 12.29 17.37
CA GLY C 64 14.08 12.78 16.60
C GLY C 64 14.02 12.31 15.17
N ILE C 65 14.48 13.20 14.28
CA ILE C 65 14.67 12.86 12.88
C ILE C 65 16.09 13.32 12.50
N SER C 66 16.94 12.41 12.08
CA SER C 66 18.37 12.80 11.89
C SER C 66 19.12 11.69 11.28
N GLU C 67 20.01 12.05 10.31
CA GLU C 67 20.96 11.01 9.74
C GLU C 67 20.17 9.84 9.05
N GLY C 68 19.05 10.13 8.40
CA GLY C 68 18.23 9.04 7.78
C GLY C 68 17.49 8.09 8.78
N LYS C 69 17.37 8.53 9.99
CA LYS C 69 16.71 7.71 11.08
C LYS C 69 15.63 8.48 11.77
N ILE C 70 14.51 7.81 12.09
CA ILE C 70 13.46 8.44 12.92
C ILE C 70 13.56 7.65 14.22
N ASP C 71 13.70 8.41 15.30
CA ASP C 71 13.63 7.87 16.66
C ASP C 71 12.21 8.02 17.27
N VAL C 72 11.70 6.91 17.77
CA VAL C 72 10.30 6.85 18.26
C VAL C 72 10.33 6.23 19.66
N ILE C 73 9.48 6.66 20.57
CA ILE C 73 9.42 6.05 21.93
C ILE C 73 7.99 5.56 22.09
N GLU C 74 7.79 4.23 22.13
CA GLU C 74 6.48 3.63 22.37
C GLU C 74 6.30 3.38 23.84
N ILE C 75 5.06 3.12 24.21
CA ILE C 75 4.71 2.74 25.60
C ILE C 75 4.01 1.41 25.44
N VAL C 76 4.51 0.38 26.12
CA VAL C 76 3.89 -0.95 26.03
C VAL C 76 3.80 -1.60 27.44
N TRP C 83 3.26 0.14 32.74
CA TRP C 83 3.66 0.74 31.41
C TRP C 83 5.14 1.04 31.41
N LEU C 84 5.76 0.65 30.30
CA LEU C 84 7.18 0.74 30.07
C LEU C 84 7.42 1.47 28.75
N GLU C 85 8.34 2.43 28.73
CA GLU C 85 8.69 3.09 27.46
C GLU C 85 9.71 2.26 26.73
N ARG C 86 9.62 2.24 25.43
CA ARG C 86 10.50 1.40 24.62
C ARG C 86 10.91 2.19 23.38
N PRO C 87 12.15 2.65 23.31
CA PRO C 87 12.65 3.35 22.08
C PRO C 87 12.81 2.39 20.93
N ARG C 88 12.49 2.85 19.72
CA ARG C 88 12.84 2.08 18.53
C ARG C 88 13.16 3.08 17.44
N SER C 89 13.58 2.58 16.29
CA SER C 89 13.79 3.51 15.18
C SER C 89 13.31 2.91 13.87
N LEU C 90 13.24 3.80 12.89
CA LEU C 90 12.99 3.43 11.52
C LEU C 90 14.13 4.05 10.75
N THR C 91 14.82 3.24 9.93
CA THR C 91 16.02 3.73 9.23
C THR C 91 15.93 3.65 7.72
N LEU C 92 16.50 4.62 7.03
CA LEU C 92 16.47 4.67 5.57
C LEU C 92 17.45 3.60 5.01
N LYS C 93 17.07 2.87 3.99
CA LYS C 93 17.97 1.85 3.42
C LYS C 93 19.17 2.52 2.74
N LYS D 6 -6.07 -29.09 -21.63
CA LYS D 6 -4.82 -29.48 -20.91
C LYS D 6 -4.21 -28.22 -20.26
N PRO D 7 -3.91 -28.25 -18.96
CA PRO D 7 -3.09 -27.21 -18.32
C PRO D 7 -1.76 -27.16 -18.98
N ASP D 8 -1.23 -25.97 -19.22
CA ASP D 8 0.12 -25.79 -19.86
C ASP D 8 1.26 -25.64 -18.82
N ARG D 11 4.41 -22.73 -19.35
CA ARG D 11 4.23 -21.27 -19.28
C ARG D 11 4.62 -20.83 -17.89
N VAL D 12 5.06 -19.59 -17.79
CA VAL D 12 5.46 -19.02 -16.53
C VAL D 12 4.22 -18.55 -15.81
N LYS D 13 3.90 -19.15 -14.66
CA LYS D 13 2.67 -18.71 -13.95
C LYS D 13 2.77 -17.29 -13.40
N GLN D 14 1.63 -16.60 -13.44
CA GLN D 14 1.54 -15.20 -12.92
C GLN D 14 1.36 -15.22 -11.42
N PHE D 15 1.56 -14.07 -10.80
CA PHE D 15 1.52 -13.95 -9.35
C PHE D 15 0.20 -14.44 -8.71
N LEU D 16 -0.92 -13.95 -9.26
CA LEU D 16 -2.24 -14.28 -8.65
C LEU D 16 -2.67 -15.74 -8.88
N GLU D 17 -1.88 -16.51 -9.60
CA GLU D 17 -2.02 -17.98 -9.61
C GLU D 17 -1.56 -18.70 -8.34
N GLY D 18 -0.86 -18.00 -7.45
CA GLY D 18 -0.37 -18.71 -6.23
C GLY D 18 -1.32 -18.59 -5.04
N PHE D 19 -2.59 -18.19 -5.26
CA PHE D 19 -3.55 -17.93 -4.23
C PHE D 19 -4.90 -18.43 -4.61
N ASN D 20 -5.71 -18.66 -3.60
CA ASN D 20 -7.03 -19.22 -3.86
C ASN D 20 -7.97 -18.18 -4.53
N ILE D 21 -8.51 -18.51 -5.72
CA ILE D 21 -9.42 -17.52 -6.39
C ILE D 21 -10.65 -17.08 -5.54
N GLU D 22 -11.13 -17.95 -4.66
CA GLU D 22 -12.26 -17.62 -3.81
C GLU D 22 -11.98 -16.50 -2.86
N THR D 23 -10.71 -16.15 -2.66
CA THR D 23 -10.34 -15.07 -1.78
C THR D 23 -10.27 -13.73 -2.51
N PHE D 24 -10.40 -13.75 -3.84
CA PHE D 24 -10.29 -12.49 -4.60
C PHE D 24 -11.63 -11.77 -4.69
N GLU D 25 -11.58 -10.46 -5.01
CA GLU D 25 -12.74 -9.66 -5.18
C GLU D 25 -12.54 -8.69 -6.37
N MET D 26 -13.50 -8.66 -7.25
CA MET D 26 -13.56 -7.67 -8.32
C MET D 26 -14.03 -6.35 -7.73
N VAL D 27 -13.18 -5.35 -7.83
CA VAL D 27 -13.53 -4.02 -7.23
C VAL D 27 -13.68 -2.89 -8.26
N GLY D 28 -13.45 -3.21 -9.54
CA GLY D 28 -13.85 -2.27 -10.57
C GLY D 28 -13.19 -2.54 -11.90
N THR D 29 -13.53 -1.73 -12.88
CA THR D 29 -12.88 -1.81 -14.24
C THR D 29 -12.23 -0.52 -14.56
N LEU D 30 -10.97 -0.56 -15.00
CA LEU D 30 -10.26 0.70 -15.31
C LEU D 30 -9.81 0.59 -16.74
N SER D 31 -10.14 1.61 -17.58
CA SER D 31 -9.59 1.60 -18.90
C SER D 31 -8.65 2.78 -18.99
N ASN D 32 -7.53 2.61 -19.71
CA ASN D 32 -6.66 3.77 -19.91
C ASN D 32 -6.11 3.69 -21.32
N ALA D 33 -5.09 4.50 -21.61
CA ALA D 33 -4.60 4.49 -22.99
C ALA D 33 -4.12 3.12 -23.50
N GLN D 34 -3.80 2.25 -22.57
CA GLN D 34 -3.32 0.90 -22.98
C GLN D 34 -4.37 -0.16 -23.02
N GLY D 35 -5.57 0.15 -22.62
CA GLY D 35 -6.68 -0.88 -22.73
C GLY D 35 -7.41 -1.02 -21.43
N THR D 36 -8.04 -2.18 -21.26
CA THR D 36 -8.98 -2.36 -20.15
C THR D 36 -8.41 -3.31 -19.12
N PHE D 37 -8.58 -2.97 -17.84
CA PHE D 37 -8.13 -3.84 -16.75
C PHE D 37 -9.23 -4.06 -15.75
N ALA D 38 -9.28 -5.26 -15.19
CA ALA D 38 -10.10 -5.49 -14.01
C ALA D 38 -9.25 -5.23 -12.79
N LEU D 39 -9.82 -4.60 -11.79
CA LEU D 39 -9.10 -4.35 -10.50
C LEU D 39 -9.47 -5.45 -9.55
N VAL D 40 -8.49 -6.28 -9.26
CA VAL D 40 -8.79 -7.47 -8.45
C VAL D 40 -8.05 -7.30 -7.14
N LYS D 41 -8.83 -7.33 -6.06
CA LYS D 41 -8.21 -7.33 -4.73
C LYS D 41 -7.88 -8.76 -4.39
N GLY D 42 -6.62 -9.04 -4.14
CA GLY D 42 -6.24 -10.38 -3.60
C GLY D 42 -4.75 -10.36 -3.24
N ALA D 43 -4.37 -11.36 -2.46
CA ALA D 43 -2.93 -11.51 -2.05
C ALA D 43 -2.37 -10.19 -1.44
N GLY D 44 -3.24 -9.43 -0.80
CA GLY D 44 -2.76 -8.29 -0.05
C GLY D 44 -2.61 -6.99 -0.82
N GLY D 45 -3.26 -6.88 -1.97
CA GLY D 45 -3.14 -5.69 -2.81
C GLY D 45 -4.21 -5.72 -3.87
N VAL D 46 -4.28 -4.65 -4.65
CA VAL D 46 -5.15 -4.52 -5.76
C VAL D 46 -4.28 -4.64 -7.03
N HIS D 47 -4.62 -5.60 -7.92
CA HIS D 47 -3.92 -5.85 -9.17
C HIS D 47 -4.74 -5.42 -10.38
N ARG D 48 -4.05 -4.94 -11.41
CA ARG D 48 -4.67 -4.57 -12.66
C ARG D 48 -4.51 -5.80 -13.52
N VAL D 49 -5.62 -6.49 -13.77
CA VAL D 49 -5.59 -7.75 -14.44
C VAL D 49 -6.20 -7.60 -15.86
N ARG D 50 -5.54 -8.17 -16.86
CA ARG D 50 -5.99 -8.01 -18.25
C ARG D 50 -6.68 -9.25 -18.71
N VAL D 51 -7.43 -9.16 -19.81
CA VAL D 51 -7.85 -10.38 -20.58
C VAL D 51 -6.60 -11.13 -21.00
N GLY D 52 -6.56 -12.42 -20.69
CA GLY D 52 -5.38 -13.23 -21.07
C GLY D 52 -4.46 -13.48 -19.82
N ASP D 53 -4.69 -12.71 -18.73
CA ASP D 53 -4.03 -13.01 -17.43
C ASP D 53 -4.72 -14.18 -16.74
N TYR D 54 -4.15 -14.62 -15.62
CA TYR D 54 -4.62 -15.81 -14.95
C TYR D 54 -4.89 -15.52 -13.50
N LEU D 55 -5.91 -16.17 -12.90
CA LEU D 55 -6.25 -15.98 -11.46
C LEU D 55 -6.47 -17.36 -10.82
N GLY D 56 -5.89 -17.59 -9.63
CA GLY D 56 -6.23 -18.83 -8.86
C GLY D 56 -5.36 -19.98 -9.34
N ARG D 57 -5.59 -21.10 -8.67
CA ARG D 57 -4.72 -22.24 -8.70
C ARG D 57 -5.07 -23.25 -9.80
N ASN D 58 -6.17 -23.03 -10.54
CA ASN D 58 -6.62 -23.96 -11.57
C ASN D 58 -6.62 -23.39 -12.97
N ASP D 59 -5.53 -22.72 -13.34
CA ASP D 59 -5.28 -22.19 -14.69
C ASP D 59 -6.44 -21.30 -15.16
N GLY D 60 -6.98 -20.53 -14.20
CA GLY D 60 -8.08 -19.64 -14.45
C GLY D 60 -7.74 -18.51 -15.41
N LYS D 61 -8.07 -18.65 -16.69
CA LYS D 61 -7.69 -17.59 -17.69
C LYS D 61 -8.77 -16.57 -17.77
N VAL D 62 -8.40 -15.30 -17.64
CA VAL D 62 -9.41 -14.23 -17.81
C VAL D 62 -9.73 -14.12 -19.29
N VAL D 63 -11.01 -14.33 -19.63
CA VAL D 63 -11.42 -14.30 -21.04
C VAL D 63 -12.26 -13.07 -21.39
N GLY D 64 -12.81 -12.41 -20.36
CA GLY D 64 -13.57 -11.17 -20.66
C GLY D 64 -13.72 -10.34 -19.41
N ILE D 65 -13.82 -9.03 -19.64
CA ILE D 65 -14.08 -8.06 -18.58
C ILE D 65 -15.17 -7.14 -19.14
N SER D 66 -16.34 -7.14 -18.50
CA SER D 66 -17.48 -6.37 -19.03
C SER D 66 -18.58 -6.31 -18.02
N GLU D 67 -19.26 -5.15 -17.96
CA GLU D 67 -20.43 -5.01 -17.11
C GLU D 67 -20.15 -5.30 -15.61
N GLY D 68 -18.99 -4.92 -15.09
CA GLY D 68 -18.66 -5.16 -13.65
C GLY D 68 -18.32 -6.64 -13.31
N LYS D 69 -18.05 -7.44 -14.33
CA LYS D 69 -17.83 -8.89 -14.19
C LYS D 69 -16.54 -9.36 -14.87
N ILE D 70 -15.75 -10.15 -14.19
CA ILE D 70 -14.66 -10.82 -14.83
C ILE D 70 -15.11 -12.27 -15.15
N ASP D 71 -14.97 -12.67 -16.40
CA ASP D 71 -15.22 -14.06 -16.85
C ASP D 71 -13.89 -14.82 -16.90
N VAL D 72 -13.84 -15.97 -16.22
CA VAL D 72 -12.62 -16.76 -16.10
C VAL D 72 -12.97 -18.12 -16.58
N ILE D 73 -12.04 -18.79 -17.25
CA ILE D 73 -12.24 -20.21 -17.60
C ILE D 73 -11.16 -21.00 -16.96
N GLU D 74 -11.51 -21.82 -15.95
CA GLU D 74 -10.51 -22.69 -15.34
C GLU D 74 -10.49 -24.04 -16.04
N ILE D 75 -9.42 -24.78 -15.77
CA ILE D 75 -9.27 -26.12 -16.35
C ILE D 75 -9.24 -27.07 -15.15
N VAL D 76 -10.12 -28.07 -15.11
CA VAL D 76 -10.22 -28.92 -13.93
C VAL D 76 -10.35 -30.38 -14.43
N PRO D 77 -10.01 -31.35 -13.56
CA PRO D 77 -10.27 -32.80 -13.85
C PRO D 77 -11.70 -33.18 -14.05
N TRP D 83 -9.58 -33.47 -18.72
CA TRP D 83 -9.83 -32.08 -18.23
C TRP D 83 -11.03 -31.41 -18.86
N LEU D 84 -11.64 -30.57 -18.05
CA LEU D 84 -12.91 -29.90 -18.43
C LEU D 84 -12.64 -28.38 -18.32
N GLU D 85 -13.33 -27.60 -19.15
CA GLU D 85 -13.42 -26.12 -18.87
C GLU D 85 -14.51 -25.75 -17.87
N ARG D 86 -14.16 -24.94 -16.84
CA ARG D 86 -15.16 -24.59 -15.85
C ARG D 86 -15.18 -23.07 -15.71
N PRO D 87 -16.18 -22.42 -16.28
CA PRO D 87 -16.26 -20.98 -16.08
C PRO D 87 -16.56 -20.55 -14.67
N ARG D 88 -16.03 -19.37 -14.32
CA ARG D 88 -16.19 -18.77 -13.00
C ARG D 88 -16.36 -17.30 -13.30
N SER D 89 -16.99 -16.59 -12.37
CA SER D 89 -17.06 -15.15 -12.54
C SER D 89 -16.61 -14.49 -11.24
N LEU D 90 -16.08 -13.25 -11.32
CA LEU D 90 -15.95 -12.45 -10.12
C LEU D 90 -16.74 -11.18 -10.48
N THR D 91 -17.66 -10.78 -9.58
CA THR D 91 -18.54 -9.64 -9.85
C THR D 91 -18.39 -8.57 -8.76
N LEU D 92 -18.72 -7.31 -9.06
CA LEU D 92 -18.70 -6.25 -8.02
C LEU D 92 -19.58 -6.62 -6.85
ZN ZN E . 10.92 0.46 0.22
C ACT F . 10.98 9.68 -11.13
O ACT F . 11.85 9.59 -10.31
OXT ACT F . 9.81 9.27 -10.80
CH3 ACT F . 11.22 10.32 -12.45
C ACT G . 6.33 4.20 -8.86
O ACT G . 6.31 5.18 -9.73
OXT ACT G . 7.27 4.32 -7.94
CH3 ACT G . 5.32 3.12 -8.80
ZN ZN H . 28.84 -15.46 -3.27
C ACT I . 10.97 2.85 -1.28
O ACT I . 11.27 2.40 -0.16
OXT ACT I . 10.35 2.12 -2.06
CH3 ACT I . 11.25 4.31 -1.66
ZN ZN J . -9.89 14.17 -6.47
ZN ZN K . -29.42 14.59 11.43
ZN ZN L . -0.29 11.99 7.67
C ACT M . 7.78 21.27 -0.31
O ACT M . 7.21 21.68 0.73
OXT ACT M . 7.47 20.16 -0.86
CH3 ACT M . 8.87 22.10 -0.96
C ACT N . 6.76 14.35 -0.57
O ACT N . 6.89 15.40 -1.32
OXT ACT N . 5.93 14.47 0.46
CH3 ACT N . 7.51 13.14 -0.96
C ACT O . -4.31 5.15 -15.05
O ACT O . -4.51 5.00 -13.82
OXT ACT O . -3.55 4.38 -15.73
CH3 ACT O . -4.95 6.32 -15.73
ZN ZN P . -0.33 -8.26 -10.27
#